data_3D1P
#
_entry.id   3D1P
#
_cell.length_a   58.343
_cell.length_b   37.429
_cell.length_c   52.198
_cell.angle_alpha   90.00
_cell.angle_beta   108.86
_cell.angle_gamma   90.00
#
_symmetry.space_group_name_H-M   'C 1 2 1'
#
loop_
_entity.id
_entity.type
_entity.pdbx_description
1 polymer 'Putative thiosulfate sulfurtransferase YOR285W'
2 non-polymer 'CHLORIDE ION'
3 non-polymer 'ACETATE ION'
4 water water
#
_entity_poly.entity_id   1
_entity_poly.type   'polypeptide(L)'
_entity_poly.pdbx_seq_one_letter_code
;(MSE)WKAV(MSE)NAWNGTESQSKNVSNIQSYSFED(MSE)KRIVGKHDPNVVLVDVREPSEYSIVHIPASINVPYRSH
PDAFALDPLEFEKQIGIPKPDSAKELIFYCASGKRGGEAQKVASSHGYSNTSLYPGS(MSE)NDWVSHGGDKLDL
;
_entity_poly.pdbx_strand_id   A
#
loop_
_chem_comp.id
_chem_comp.type
_chem_comp.name
_chem_comp.formula
ACT non-polymer 'ACETATE ION' 'C2 H3 O2 -1'
CL non-polymer 'CHLORIDE ION' 'Cl -1'
#
# COMPACT_ATOMS: atom_id res chain seq x y z
N SER A 20 8.47 -4.94 -17.98
CA SER A 20 7.89 -3.58 -17.95
C SER A 20 8.22 -2.82 -16.70
N ASN A 21 8.33 -1.53 -16.87
CA ASN A 21 8.58 -0.63 -15.78
C ASN A 21 7.47 -0.84 -14.73
N ILE A 22 7.81 -0.78 -13.43
CA ILE A 22 6.81 -0.89 -12.41
C ILE A 22 5.82 0.26 -12.61
N GLN A 23 4.58 -0.06 -12.57
CA GLN A 23 3.58 0.93 -12.69
C GLN A 23 3.68 1.87 -11.51
N SER A 24 3.68 3.16 -11.77
CA SER A 24 3.72 4.18 -10.76
CA SER A 24 3.68 4.16 -10.71
C SER A 24 2.54 5.15 -10.95
N TYR A 25 2.07 5.72 -9.84
CA TYR A 25 0.88 6.55 -9.83
C TYR A 25 1.16 7.92 -9.20
N SER A 26 0.65 8.97 -9.82
CA SER A 26 0.61 10.30 -9.26
C SER A 26 -0.53 10.46 -8.27
N PHE A 27 -0.58 11.61 -7.62
CA PHE A 27 -1.74 11.95 -6.78
C PHE A 27 -3.07 11.81 -7.53
N GLU A 28 -3.16 12.41 -8.72
CA GLU A 28 -4.41 12.33 -9.45
C GLU A 28 -4.76 10.89 -9.82
N ASP A 29 -3.75 10.09 -10.18
CA ASP A 29 -3.99 8.70 -10.44
C ASP A 29 -4.55 7.97 -9.20
N MSE A 30 -3.97 8.28 -8.03
CA MSE A 30 -4.43 7.65 -6.79
C MSE A 30 -5.83 8.08 -6.41
O MSE A 30 -6.61 7.27 -5.94
CB MSE A 30 -3.44 7.93 -5.67
CG MSE A 30 -2.11 7.22 -5.83
SE MSE A 30 -2.22 5.31 -5.89
CE MSE A 30 -2.75 5.04 -4.14
N LYS A 31 -6.17 9.33 -6.66
N LYS A 31 -6.14 9.35 -6.55
CA LYS A 31 -7.51 9.79 -6.45
CA LYS A 31 -7.74 9.70 -6.47
CA LYS A 31 -7.47 9.82 -6.27
C LYS A 31 -8.48 8.95 -7.33
C LYS A 31 -8.48 8.96 -7.03
N ARG A 32 -8.15 8.75 -8.59
N ARG A 32 -8.20 8.81 -8.16
CA ARG A 32 -8.97 7.92 -9.43
CA ARG A 32 -9.08 8.08 -9.07
C ARG A 32 -9.11 6.52 -8.87
C ARG A 32 -9.13 6.56 -8.82
N ILE A 33 -7.98 5.95 -8.49
CA ILE A 33 -8.00 4.56 -8.00
C ILE A 33 -8.84 4.43 -6.74
N VAL A 34 -8.65 5.34 -5.78
CA VAL A 34 -9.45 5.29 -4.57
C VAL A 34 -10.93 5.39 -4.89
N GLY A 35 -11.27 6.31 -5.79
CA GLY A 35 -12.66 6.49 -6.15
C GLY A 35 -13.32 5.35 -6.89
N LYS A 36 -12.51 4.48 -7.52
CA LYS A 36 -13.00 3.29 -8.19
CA LYS A 36 -12.99 3.28 -8.21
CA LYS A 36 -13.04 3.31 -8.18
C LYS A 36 -13.41 2.19 -7.25
N HIS A 37 -12.84 2.17 -6.06
CA HIS A 37 -13.14 1.11 -5.09
C HIS A 37 -13.01 -0.26 -5.76
N ASP A 38 -11.93 -0.51 -6.47
CA ASP A 38 -11.76 -1.72 -7.23
C ASP A 38 -11.48 -2.86 -6.28
N PRO A 39 -12.31 -3.92 -6.31
CA PRO A 39 -12.13 -5.01 -5.38
C PRO A 39 -10.85 -5.77 -5.58
N ASN A 40 -10.22 -5.59 -6.73
CA ASN A 40 -9.01 -6.32 -7.03
CA ASN A 40 -8.98 -6.34 -6.91
C ASN A 40 -7.72 -5.45 -6.94
N VAL A 41 -7.83 -4.36 -6.21
CA VAL A 41 -6.72 -3.47 -5.89
C VAL A 41 -6.57 -3.42 -4.37
N VAL A 42 -5.33 -3.50 -3.89
CA VAL A 42 -5.01 -3.40 -2.49
C VAL A 42 -4.04 -2.24 -2.32
N LEU A 43 -4.36 -1.37 -1.37
N LEU A 43 -4.41 -1.27 -1.48
CA LEU A 43 -3.55 -0.18 -1.05
CA LEU A 43 -3.49 -0.16 -1.17
C LEU A 43 -2.70 -0.53 0.15
C LEU A 43 -2.71 -0.59 0.08
N VAL A 44 -1.40 -0.72 -0.07
CA VAL A 44 -0.48 -1.24 0.94
C VAL A 44 0.38 -0.11 1.50
N ASP A 45 -0.02 0.34 2.69
CA ASP A 45 0.66 1.41 3.41
C ASP A 45 1.63 0.76 4.38
N VAL A 46 2.92 0.96 4.14
CA VAL A 46 3.95 0.26 4.92
C VAL A 46 4.61 1.17 5.95
N ARG A 47 3.97 2.28 6.29
CA ARG A 47 4.38 3.05 7.45
C ARG A 47 4.16 2.25 8.74
N GLU A 48 4.74 2.75 9.83
CA GLU A 48 4.51 2.13 11.13
C GLU A 48 3.08 2.39 11.60
N PRO A 49 2.57 1.59 12.53
CA PRO A 49 1.18 1.78 12.96
C PRO A 49 0.89 3.17 13.50
N SER A 50 1.83 3.78 14.21
CA SER A 50 1.65 5.10 14.76
C SER A 50 1.47 6.11 13.64
N GLU A 51 2.29 6.00 12.58
CA GLU A 51 2.13 6.88 11.38
C GLU A 51 0.77 6.68 10.71
N TYR A 52 0.34 5.44 10.63
N TYR A 52 0.42 5.42 10.62
CA TYR A 52 -0.95 5.11 10.01
CA TYR A 52 -0.77 5.02 9.91
C TYR A 52 -2.11 5.66 10.79
C TYR A 52 -2.02 5.50 10.60
N SER A 53 -1.97 5.70 12.10
N SER A 53 -2.05 5.48 11.93
CA SER A 53 -3.04 6.17 12.90
CA SER A 53 -3.31 5.48 12.67
C SER A 53 -3.18 7.69 12.73
C SER A 53 -4.13 6.75 12.58
N ILE A 54 -2.11 8.43 12.42
N ILE A 54 -3.54 7.91 12.33
CA ILE A 54 -2.24 9.88 12.18
CA ILE A 54 -4.32 9.14 12.38
C ILE A 54 -3.20 10.15 11.00
C ILE A 54 -4.83 9.54 10.99
N VAL A 55 -2.94 9.48 9.87
N VAL A 55 -3.92 9.53 10.00
CA VAL A 55 -3.86 9.66 8.73
CA VAL A 55 -4.13 9.82 8.56
C VAL A 55 -3.60 8.51 7.76
C VAL A 55 -3.68 8.62 7.76
N HIS A 56 -4.62 8.01 7.07
CA HIS A 56 -4.38 6.94 6.11
C HIS A 56 -5.45 7.02 5.04
N ILE A 57 -5.20 6.37 3.92
CA ILE A 57 -6.20 6.31 2.87
C ILE A 57 -7.29 5.31 3.31
N PRO A 58 -8.58 5.65 3.25
CA PRO A 58 -9.59 4.70 3.63
C PRO A 58 -9.49 3.41 2.82
N ALA A 59 -9.68 2.31 3.51
CA ALA A 59 -9.69 0.98 2.93
C ALA A 59 -8.31 0.44 2.60
N SER A 60 -7.26 1.23 2.85
CA SER A 60 -5.92 0.69 2.75
C SER A 60 -5.67 -0.29 3.87
N ILE A 61 -4.62 -1.08 3.71
CA ILE A 61 -4.10 -1.94 4.76
C ILE A 61 -2.76 -1.42 5.23
N ASN A 62 -2.41 -1.77 6.47
CA ASN A 62 -1.13 -1.36 7.04
C ASN A 62 -0.27 -2.60 7.24
N VAL A 63 0.87 -2.65 6.55
CA VAL A 63 1.82 -3.76 6.65
C VAL A 63 3.19 -3.15 6.91
N PRO A 64 3.48 -2.80 8.15
CA PRO A 64 4.65 -1.97 8.45
C PRO A 64 5.97 -2.56 7.96
N TYR A 65 6.76 -1.76 7.22
CA TYR A 65 8.01 -2.25 6.68
C TYR A 65 9.12 -2.29 7.73
N ARG A 66 9.26 -1.20 8.48
CA ARG A 66 10.32 -1.11 9.49
C ARG A 66 10.25 -2.25 10.51
N SER A 67 9.04 -2.52 11.00
CA SER A 67 8.83 -3.54 12.01
C SER A 67 8.50 -4.92 11.47
N HIS A 68 8.16 -5.03 10.18
CA HIS A 68 7.87 -6.30 9.55
C HIS A 68 8.42 -6.29 8.12
N PRO A 69 9.73 -6.15 7.93
CA PRO A 69 10.27 -6.01 6.55
C PRO A 69 10.08 -7.24 5.69
N ASP A 70 9.99 -8.40 6.34
CA ASP A 70 9.76 -9.69 5.70
C ASP A 70 8.31 -10.05 5.51
N ALA A 71 7.38 -9.14 5.84
CA ALA A 71 5.99 -9.50 5.82
C ALA A 71 5.57 -10.14 4.49
N PHE A 72 5.97 -9.53 3.38
CA PHE A 72 5.50 -10.03 2.11
C PHE A 72 6.20 -11.29 1.62
N ALA A 73 7.12 -11.82 2.43
CA ALA A 73 7.74 -13.11 2.22
C ALA A 73 7.10 -14.20 3.07
N LEU A 74 6.15 -13.88 3.93
CA LEU A 74 5.56 -14.86 4.82
C LEU A 74 4.44 -15.64 4.15
N ASP A 75 4.30 -16.90 4.55
CA ASP A 75 3.14 -17.68 4.10
C ASP A 75 1.86 -17.12 4.74
N PRO A 76 0.68 -17.47 4.20
CA PRO A 76 -0.55 -16.85 4.69
C PRO A 76 -0.79 -16.98 6.18
N LEU A 77 -0.57 -18.14 6.76
CA LEU A 77 -0.85 -18.33 8.18
CA LEU A 77 -0.82 -18.35 8.20
C LEU A 77 0.10 -17.47 9.04
N GLU A 78 1.37 -17.49 8.70
CA GLU A 78 2.36 -16.74 9.44
C GLU A 78 2.18 -15.24 9.25
N PHE A 79 1.78 -14.82 8.04
CA PHE A 79 1.48 -13.42 7.80
C PHE A 79 0.42 -12.94 8.79
N GLU A 80 -0.69 -13.67 8.90
N GLU A 80 -0.66 -13.70 8.90
CA GLU A 80 -1.73 -13.19 9.79
CA GLU A 80 -1.75 -13.33 9.80
C GLU A 80 -1.27 -13.22 11.24
C GLU A 80 -1.29 -13.26 11.24
N LYS A 81 -0.46 -14.20 11.65
CA LYS A 81 0.04 -14.16 13.02
CA LYS A 81 0.09 -14.19 13.00
C LYS A 81 0.92 -12.95 13.28
N GLN A 82 1.77 -12.59 12.33
CA GLN A 82 2.68 -11.50 12.54
C GLN A 82 2.04 -10.13 12.38
N ILE A 83 1.19 -9.98 11.36
CA ILE A 83 0.64 -8.68 10.98
C ILE A 83 -0.73 -8.45 11.55
N GLY A 84 -1.50 -9.51 11.78
CA GLY A 84 -2.83 -9.38 12.35
C GLY A 84 -3.98 -9.21 11.38
N ILE A 85 -3.67 -9.26 10.08
CA ILE A 85 -4.64 -9.19 9.02
C ILE A 85 -4.28 -10.27 8.01
N PRO A 86 -5.21 -10.65 7.13
CA PRO A 86 -4.93 -11.68 6.14
C PRO A 86 -3.91 -11.22 5.13
N LYS A 87 -3.15 -12.19 4.64
CA LYS A 87 -2.19 -11.92 3.58
CA LYS A 87 -2.19 -11.94 3.58
C LYS A 87 -2.93 -11.56 2.31
N PRO A 88 -2.56 -10.43 1.67
CA PRO A 88 -3.27 -10.06 0.45
C PRO A 88 -3.21 -11.13 -0.62
N ASP A 89 -4.29 -11.20 -1.37
CA ASP A 89 -4.40 -12.13 -2.51
C ASP A 89 -3.40 -11.74 -3.60
N SER A 90 -2.54 -12.68 -4.00
CA SER A 90 -1.53 -12.37 -5.01
C SER A 90 -2.08 -12.13 -6.40
N ALA A 91 -3.34 -12.43 -6.64
CA ALA A 91 -3.96 -12.14 -7.91
C ALA A 91 -4.30 -10.68 -8.05
N LYS A 92 -4.31 -9.92 -6.95
CA LYS A 92 -4.68 -8.52 -6.98
CA LYS A 92 -4.69 -8.53 -7.01
C LYS A 92 -3.50 -7.65 -7.32
N GLU A 93 -3.80 -6.41 -7.71
CA GLU A 93 -2.79 -5.37 -7.84
C GLU A 93 -2.52 -4.77 -6.46
N LEU A 94 -1.30 -4.85 -5.98
CA LEU A 94 -0.92 -4.25 -4.70
C LEU A 94 -0.13 -2.96 -5.00
N ILE A 95 -0.58 -1.86 -4.43
CA ILE A 95 0.04 -0.55 -4.65
C ILE A 95 0.74 -0.14 -3.35
N PHE A 96 2.06 -0.02 -3.40
CA PHE A 96 2.86 0.18 -2.22
C PHE A 96 3.26 1.64 -2.01
N TYR A 97 3.25 2.08 -0.76
CA TYR A 97 3.70 3.43 -0.42
C TYR A 97 3.98 3.50 1.08
N CYS A 98 4.66 4.56 1.46
CA CYS A 98 4.93 4.86 2.87
C CYS A 98 4.63 6.35 3.12
N ALA A 99 5.63 7.09 3.64
CA ALA A 99 5.53 8.54 3.84
C ALA A 99 6.21 9.25 2.68
N SER A 100 7.52 9.04 2.51
CA SER A 100 8.24 9.69 1.45
C SER A 100 8.61 8.77 0.28
N GLY A 101 8.37 7.46 0.40
CA GLY A 101 8.50 6.51 -0.67
C GLY A 101 9.52 5.40 -0.50
N LYS A 102 10.56 5.59 0.32
CA LYS A 102 11.65 4.60 0.33
C LYS A 102 11.17 3.24 0.82
N ARG A 103 10.46 3.23 1.97
CA ARG A 103 9.99 1.97 2.50
C ARG A 103 8.99 1.32 1.57
N GLY A 104 8.10 2.11 0.96
CA GLY A 104 7.19 1.56 -0.04
C GLY A 104 7.92 0.83 -1.15
N GLY A 105 8.99 1.43 -1.64
CA GLY A 105 9.76 0.81 -2.69
C GLY A 105 10.40 -0.49 -2.25
N GLU A 106 10.92 -0.51 -1.03
CA GLU A 106 11.54 -1.72 -0.47
CA GLU A 106 11.55 -1.73 -0.57
C GLU A 106 10.51 -2.84 -0.33
N ALA A 107 9.35 -2.49 0.20
CA ALA A 107 8.29 -3.50 0.39
C ALA A 107 7.80 -4.03 -0.94
N GLN A 108 7.70 -3.19 -1.95
CA GLN A 108 7.31 -3.65 -3.29
CA GLN A 108 7.29 -3.67 -3.25
C GLN A 108 8.29 -4.69 -3.79
N LYS A 109 9.56 -4.50 -3.54
CA LYS A 109 10.57 -5.47 -3.98
C LYS A 109 10.40 -6.79 -3.27
N VAL A 110 10.10 -6.77 -1.96
CA VAL A 110 9.85 -8.01 -1.25
C VAL A 110 8.67 -8.74 -1.88
N ALA A 111 7.56 -8.03 -2.08
CA ALA A 111 6.38 -8.68 -2.62
C ALA A 111 6.62 -9.25 -4.02
N SER A 112 7.23 -8.45 -4.88
CA SER A 112 7.42 -8.85 -6.27
CA SER A 112 7.44 -8.84 -6.26
C SER A 112 8.35 -10.06 -6.38
N SER A 113 9.26 -10.22 -5.41
CA SER A 113 10.20 -11.35 -5.31
CA SER A 113 10.13 -11.38 -5.43
C SER A 113 9.59 -12.58 -4.62
N HIS A 114 8.39 -12.44 -4.06
CA HIS A 114 7.73 -13.50 -3.32
C HIS A 114 6.31 -13.74 -3.78
N GLY A 115 6.13 -13.76 -5.10
CA GLY A 115 4.91 -14.29 -5.66
C GLY A 115 3.83 -13.32 -6.04
N TYR A 116 4.08 -12.01 -5.91
CA TYR A 116 3.10 -11.03 -6.32
C TYR A 116 3.54 -10.48 -7.67
N SER A 117 2.84 -10.89 -8.72
CA SER A 117 3.16 -10.54 -10.10
CA SER A 117 3.26 -10.47 -10.05
C SER A 117 2.58 -9.20 -10.51
N ASN A 118 1.64 -8.64 -9.72
CA ASN A 118 0.96 -7.39 -10.09
C ASN A 118 1.14 -6.41 -8.94
N THR A 119 2.22 -5.65 -9.02
CA THR A 119 2.54 -4.70 -7.99
C THR A 119 2.87 -3.35 -8.63
N SER A 120 2.60 -2.30 -7.88
CA SER A 120 2.74 -0.94 -8.32
C SER A 120 3.22 -0.07 -7.19
N LEU A 121 3.61 1.17 -7.53
CA LEU A 121 4.06 2.15 -6.54
CA LEU A 121 4.06 2.13 -6.56
C LEU A 121 3.19 3.39 -6.59
N TYR A 122 3.00 3.98 -5.42
CA TYR A 122 2.57 5.37 -5.28
C TYR A 122 3.80 6.09 -4.74
N PRO A 123 4.72 6.52 -5.63
CA PRO A 123 6.02 6.99 -5.14
C PRO A 123 5.90 8.18 -4.19
N GLY A 124 4.98 9.10 -4.48
CA GLY A 124 4.84 10.26 -3.65
C GLY A 124 4.37 9.94 -2.24
N SER A 125 3.64 8.83 -2.10
CA SER A 125 3.33 8.27 -0.82
C SER A 125 2.46 9.21 0.01
N MSE A 126 2.35 8.95 1.33
CA MSE A 126 1.42 9.75 2.11
CA MSE A 126 1.45 9.74 2.18
C MSE A 126 1.82 11.21 2.22
O MSE A 126 0.97 12.07 2.42
CB MSE A 126 1.16 9.11 3.48
CB MSE A 126 1.44 9.19 3.60
CG MSE A 126 0.37 7.83 3.41
CG MSE A 126 0.32 9.78 4.44
SE MSE A 126 -1.41 8.03 2.66
SE MSE A 126 -1.46 9.35 3.77
CE MSE A 126 -2.13 9.17 4.04
CE MSE A 126 -1.09 7.49 3.33
N ASN A 127 3.12 11.53 2.06
CA ASN A 127 3.49 12.93 2.04
C ASN A 127 2.83 13.62 0.86
N ASP A 128 2.85 12.95 -0.31
CA ASP A 128 2.20 13.48 -1.49
C ASP A 128 0.69 13.58 -1.29
N TRP A 129 0.10 12.54 -0.71
CA TRP A 129 -1.34 12.51 -0.51
C TRP A 129 -1.77 13.72 0.33
N VAL A 130 -1.12 13.90 1.48
CA VAL A 130 -1.48 15.00 2.36
C VAL A 130 -1.10 16.34 1.75
N SER A 131 0.01 16.46 1.04
CA SER A 131 0.39 17.71 0.40
CA SER A 131 0.34 17.75 0.51
CA SER A 131 0.39 17.71 0.42
C SER A 131 -0.70 18.22 -0.52
N HIS A 132 -1.36 17.30 -1.22
CA HIS A 132 -2.40 17.64 -2.19
C HIS A 132 -3.79 17.66 -1.59
N GLY A 133 -3.91 17.41 -0.29
CA GLY A 133 -5.20 17.48 0.39
C GLY A 133 -6.02 16.20 0.33
N GLY A 134 -5.39 15.07 0.01
CA GLY A 134 -6.11 13.83 -0.07
C GLY A 134 -6.83 13.43 1.17
N ASP A 135 -6.29 13.80 2.33
CA ASP A 135 -6.93 13.47 3.58
C ASP A 135 -8.27 14.18 3.80
N LYS A 136 -8.57 15.21 2.98
CA LYS A 136 -9.83 15.91 3.06
CA LYS A 136 -9.83 15.89 3.09
C LYS A 136 -10.86 15.39 2.06
N LEU A 137 -10.51 14.38 1.28
CA LEU A 137 -11.44 13.78 0.34
C LEU A 137 -12.34 12.78 1.05
N ASP A 138 -13.45 12.46 0.39
CA ASP A 138 -14.38 11.46 0.85
C ASP A 138 -14.86 10.67 -0.38
N LEU A 139 -13.97 9.94 -1.04
CA LEU A 139 -14.25 9.28 -2.32
C LEU A 139 -14.80 7.88 -2.19
CL CL B . -6.75 -9.34 -0.52
C ACT C . -1.16 13.68 -13.54
O ACT C . -1.32 12.47 -13.18
OXT ACT C . -1.27 14.56 -12.63
CH3 ACT C . -0.85 14.01 -14.93
#